data_5E5X
# 
_entry.id   5E5X 
# 
_audit_conform.dict_name       mmcif_pdbx.dic 
_audit_conform.dict_version    5.387 
_audit_conform.dict_location   http://mmcif.pdb.org/dictionaries/ascii/mmcif_pdbx.dic 
# 
loop_
_database_2.database_id 
_database_2.database_code 
_database_2.pdbx_database_accession 
_database_2.pdbx_DOI 
PDB   5E5X         pdb_00005e5x 10.2210/pdb5e5x/pdb 
WWPDB D_1000214419 ?            ?                   
# 
loop_
_pdbx_audit_revision_history.ordinal 
_pdbx_audit_revision_history.data_content_type 
_pdbx_audit_revision_history.major_revision 
_pdbx_audit_revision_history.minor_revision 
_pdbx_audit_revision_history.revision_date 
1 'Structure model' 1 0 2015-12-16 
2 'Structure model' 1 1 2016-01-20 
3 'Structure model' 1 2 2016-07-20 
4 'Structure model' 1 3 2024-03-06 
# 
_pdbx_audit_revision_details.ordinal             1 
_pdbx_audit_revision_details.revision_ordinal    1 
_pdbx_audit_revision_details.data_content_type   'Structure model' 
_pdbx_audit_revision_details.provider            repository 
_pdbx_audit_revision_details.type                'Initial release' 
_pdbx_audit_revision_details.description         ? 
_pdbx_audit_revision_details.details             ? 
# 
loop_
_pdbx_audit_revision_group.ordinal 
_pdbx_audit_revision_group.revision_ordinal 
_pdbx_audit_revision_group.data_content_type 
_pdbx_audit_revision_group.group 
1 2 'Structure model' 'Database references'  
2 3 'Structure model' 'Database references'  
3 4 'Structure model' 'Data collection'      
4 4 'Structure model' 'Database references'  
5 4 'Structure model' 'Derived calculations' 
# 
loop_
_pdbx_audit_revision_category.ordinal 
_pdbx_audit_revision_category.revision_ordinal 
_pdbx_audit_revision_category.data_content_type 
_pdbx_audit_revision_category.category 
1 4 'Structure model' chem_comp_atom        
2 4 'Structure model' chem_comp_bond        
3 4 'Structure model' citation              
4 4 'Structure model' database_2            
5 4 'Structure model' pdbx_struct_oper_list 
# 
loop_
_pdbx_audit_revision_item.ordinal 
_pdbx_audit_revision_item.revision_ordinal 
_pdbx_audit_revision_item.data_content_type 
_pdbx_audit_revision_item.item 
1 4 'Structure model' '_citation.journal_id_CSD'                  
2 4 'Structure model' '_database_2.pdbx_DOI'                      
3 4 'Structure model' '_database_2.pdbx_database_accession'       
4 4 'Structure model' '_pdbx_struct_oper_list.symmetry_operation' 
# 
_pdbx_database_status.status_code                     REL 
_pdbx_database_status.status_code_sf                  REL 
_pdbx_database_status.status_code_mr                  ? 
_pdbx_database_status.entry_id                        5E5X 
_pdbx_database_status.recvd_initial_deposition_date   2015-10-09 
_pdbx_database_status.SG_entry                        N 
_pdbx_database_status.deposit_site                    RCSB 
_pdbx_database_status.process_site                    RCSB 
_pdbx_database_status.status_code_cs                  ? 
_pdbx_database_status.methods_development_category    ? 
_pdbx_database_status.pdb_format_compatible           Y 
_pdbx_database_status.status_code_nmr_data            ? 
# 
loop_
_pdbx_database_related.db_name 
_pdbx_database_related.details 
_pdbx_database_related.db_id 
_pdbx_database_related.content_type 
PDB . 5E5V unspecified 
PDB . 5E5Z unspecified 
PDB . 5E61 unspecified 
# 
loop_
_audit_author.name 
_audit_author.pdbx_ordinal 
'Soriaga, A.B.' 1 
'Eisenberg, D.' 2 
# 
_citation.abstract                  ? 
_citation.abstract_id_CAS           ? 
_citation.book_id_ISBN              ? 
_citation.book_publisher            ? 
_citation.book_publisher_city       ? 
_citation.book_title                ? 
_citation.coordinate_linkage        ? 
_citation.country                   US 
_citation.database_id_Medline       ? 
_citation.details                   ? 
_citation.id                        primary 
_citation.journal_abbrev            J.Phys.Chem.B 
_citation.journal_id_ASTM           JPCBFK 
_citation.journal_id_CSD            1278 
_citation.journal_id_ISSN           1089-5647 
_citation.journal_full              ? 
_citation.journal_issue             ? 
_citation.journal_volume            120 
_citation.language                  ? 
_citation.page_first                5810 
_citation.page_last                 5816 
_citation.title                     
'Crystal Structures of IAPP Amyloidogenic Segments Reveal a Novel Packing Motif of Out-of-Register Beta Sheets.' 
_citation.year                      2016 
_citation.database_id_CSD           ? 
_citation.pdbx_database_id_DOI      10.1021/acs.jpcb.5b09981 
_citation.pdbx_database_id_PubMed   26629790 
_citation.unpublished_flag          ? 
# 
loop_
_citation_author.citation_id 
_citation_author.name 
_citation_author.ordinal 
_citation_author.identifier_ORCID 
primary 'Soriaga, A.B.' 1 ? 
primary 'Sangwan, S.'   2 ? 
primary 'Macdonald, R.' 3 ? 
primary 'Sawaya, M.R.'  4 ? 
primary 'Eisenberg, D.' 5 ? 
# 
_entity.id                         1 
_entity.type                       polymer 
_entity.src_method                 syn 
_entity.pdbx_description           'ANFLVH (residues 13-18) from islet amyloid polypeptide' 
_entity.formula_weight             700.805 
_entity.pdbx_number_of_molecules   1 
_entity.pdbx_ec                    ? 
_entity.pdbx_mutation              ? 
_entity.pdbx_fragment              ? 
_entity.details                    ? 
# 
_entity_poly.entity_id                      1 
_entity_poly.type                           'polypeptide(L)' 
_entity_poly.nstd_linkage                   no 
_entity_poly.nstd_monomer                   no 
_entity_poly.pdbx_seq_one_letter_code       ANFLVH 
_entity_poly.pdbx_seq_one_letter_code_can   ANFLVH 
_entity_poly.pdbx_strand_id                 A 
_entity_poly.pdbx_target_identifier         ? 
# 
loop_
_entity_poly_seq.entity_id 
_entity_poly_seq.num 
_entity_poly_seq.mon_id 
_entity_poly_seq.hetero 
1 1 ALA n 
1 2 ASN n 
1 3 PHE n 
1 4 LEU n 
1 5 VAL n 
1 6 HIS n 
# 
_pdbx_entity_src_syn.entity_id              1 
_pdbx_entity_src_syn.pdbx_src_id            1 
_pdbx_entity_src_syn.pdbx_alt_source_flag   sample 
_pdbx_entity_src_syn.pdbx_beg_seq_num       1 
_pdbx_entity_src_syn.pdbx_end_seq_num       6 
_pdbx_entity_src_syn.organism_scientific    'Homo sapiens' 
_pdbx_entity_src_syn.organism_common_name   ? 
_pdbx_entity_src_syn.ncbi_taxonomy_id       9606 
_pdbx_entity_src_syn.details                ? 
# 
loop_
_chem_comp.id 
_chem_comp.type 
_chem_comp.mon_nstd_flag 
_chem_comp.name 
_chem_comp.pdbx_synonyms 
_chem_comp.formula 
_chem_comp.formula_weight 
ALA 'L-peptide linking' y ALANINE       ? 'C3 H7 N O2'     89.093  
ASN 'L-peptide linking' y ASPARAGINE    ? 'C4 H8 N2 O3'    132.118 
HIS 'L-peptide linking' y HISTIDINE     ? 'C6 H10 N3 O2 1' 156.162 
LEU 'L-peptide linking' y LEUCINE       ? 'C6 H13 N O2'    131.173 
PHE 'L-peptide linking' y PHENYLALANINE ? 'C9 H11 N O2'    165.189 
VAL 'L-peptide linking' y VALINE        ? 'C5 H11 N O2'    117.146 
# 
loop_
_pdbx_poly_seq_scheme.asym_id 
_pdbx_poly_seq_scheme.entity_id 
_pdbx_poly_seq_scheme.seq_id 
_pdbx_poly_seq_scheme.mon_id 
_pdbx_poly_seq_scheme.ndb_seq_num 
_pdbx_poly_seq_scheme.pdb_seq_num 
_pdbx_poly_seq_scheme.auth_seq_num 
_pdbx_poly_seq_scheme.pdb_mon_id 
_pdbx_poly_seq_scheme.auth_mon_id 
_pdbx_poly_seq_scheme.pdb_strand_id 
_pdbx_poly_seq_scheme.pdb_ins_code 
_pdbx_poly_seq_scheme.hetero 
A 1 1 ALA 1 1 1 ALA ALA A . n 
A 1 2 ASN 2 2 2 ASN ASN A . n 
A 1 3 PHE 3 3 3 PHE PHE A . n 
A 1 4 LEU 4 4 4 LEU LEU A . n 
A 1 5 VAL 5 5 5 VAL VAL A . n 
A 1 6 HIS 6 6 6 HIS HIS A . n 
# 
loop_
_software.citation_id 
_software.classification 
_software.compiler_name 
_software.compiler_version 
_software.contact_author 
_software.contact_author_email 
_software.date 
_software.description 
_software.dependencies 
_software.hardware 
_software.language 
_software.location 
_software.mods 
_software.name 
_software.os 
_software.os_version 
_software.type 
_software.version 
_software.pdbx_ordinal 
? refinement       ? ? ? ? ? ? ? ? ? ? ? PHENIX ? ? ? . 1 
? phasing          ? ? ? ? ? ? ? ? ? ? ? PHASER ? ? ? . 2 
? 'data reduction' ? ? ? ? ? ? ? ? ? ? ? DENZO  ? ? ? . 3 
# 
_cell.angle_alpha                  90.00 
_cell.angle_alpha_esd              ? 
_cell.angle_beta                   103.69 
_cell.angle_beta_esd               ? 
_cell.angle_gamma                  90.00 
_cell.angle_gamma_esd              ? 
_cell.entry_id                     5E5X 
_cell.details                      ? 
_cell.formula_units_Z              ? 
_cell.length_a                     4.831 
_cell.length_a_esd                 ? 
_cell.length_b                     39.726 
_cell.length_b_esd                 ? 
_cell.length_c                     9.869 
_cell.length_c_esd                 ? 
_cell.volume                       ? 
_cell.volume_esd                   ? 
_cell.Z_PDB                        2 
_cell.reciprocal_angle_alpha       ? 
_cell.reciprocal_angle_beta        ? 
_cell.reciprocal_angle_gamma       ? 
_cell.reciprocal_angle_alpha_esd   ? 
_cell.reciprocal_angle_beta_esd    ? 
_cell.reciprocal_angle_gamma_esd   ? 
_cell.reciprocal_length_a          ? 
_cell.reciprocal_length_b          ? 
_cell.reciprocal_length_c          ? 
_cell.reciprocal_length_a_esd      ? 
_cell.reciprocal_length_b_esd      ? 
_cell.reciprocal_length_c_esd      ? 
_cell.pdbx_unique_axis             ? 
# 
_symmetry.entry_id                         5E5X 
_symmetry.cell_setting                     ? 
_symmetry.Int_Tables_number                4 
_symmetry.space_group_name_Hall            ? 
_symmetry.space_group_name_H-M             'P 1 21 1' 
_symmetry.pdbx_full_space_group_name_H-M   ? 
# 
_exptl.absorpt_coefficient_mu     ? 
_exptl.absorpt_correction_T_max   ? 
_exptl.absorpt_correction_T_min   ? 
_exptl.absorpt_correction_type    ? 
_exptl.absorpt_process_details    ? 
_exptl.entry_id                   5E5X 
_exptl.crystals_number            ? 
_exptl.details                    ? 
_exptl.method                     'X-RAY DIFFRACTION' 
_exptl.method_details             ? 
# 
_exptl_crystal.colour                      ? 
_exptl_crystal.density_diffrn              ? 
_exptl_crystal.density_Matthews            1.31 
_exptl_crystal.density_method              ? 
_exptl_crystal.density_percent_sol         6.32 
_exptl_crystal.description                 ? 
_exptl_crystal.F_000                       ? 
_exptl_crystal.id                          1 
_exptl_crystal.preparation                 ? 
_exptl_crystal.size_max                    ? 
_exptl_crystal.size_mid                    ? 
_exptl_crystal.size_min                    ? 
_exptl_crystal.size_rad                    ? 
_exptl_crystal.colour_lustre               ? 
_exptl_crystal.colour_modifier             ? 
_exptl_crystal.colour_primary              ? 
_exptl_crystal.density_meas                ? 
_exptl_crystal.density_meas_esd            ? 
_exptl_crystal.density_meas_gt             ? 
_exptl_crystal.density_meas_lt             ? 
_exptl_crystal.density_meas_temp           ? 
_exptl_crystal.density_meas_temp_esd       ? 
_exptl_crystal.density_meas_temp_gt        ? 
_exptl_crystal.density_meas_temp_lt        ? 
_exptl_crystal.pdbx_crystal_image_url      ? 
_exptl_crystal.pdbx_crystal_image_format   ? 
_exptl_crystal.pdbx_mosaicity              ? 
_exptl_crystal.pdbx_mosaicity_esd          ? 
# 
_exptl_crystal_grow.apparatus       ? 
_exptl_crystal_grow.atmosphere      ? 
_exptl_crystal_grow.crystal_id      1 
_exptl_crystal_grow.details         ? 
_exptl_crystal_grow.method          'VAPOR DIFFUSION, HANGING DROP' 
_exptl_crystal_grow.method_ref      ? 
_exptl_crystal_grow.pH              ? 
_exptl_crystal_grow.pressure        ? 
_exptl_crystal_grow.pressure_esd    ? 
_exptl_crystal_grow.seeding         ? 
_exptl_crystal_grow.seeding_ref     ? 
_exptl_crystal_grow.temp            291 
_exptl_crystal_grow.temp_details    ? 
_exptl_crystal_grow.temp_esd        ? 
_exptl_crystal_grow.time            ? 
_exptl_crystal_grow.pdbx_details    
'20 mg/ml in water and mixed with 10% (w/v) PEG-8000, 0.1 M Na/K phosphate pH 6.2, and 0.2 M NaCl' 
_exptl_crystal_grow.pdbx_pH_range   ? 
# 
_diffrn.ambient_environment    ? 
_diffrn.ambient_temp           291 
_diffrn.ambient_temp_details   ? 
_diffrn.ambient_temp_esd       ? 
_diffrn.crystal_id             1 
_diffrn.crystal_support        ? 
_diffrn.crystal_treatment      ? 
_diffrn.details                ? 
_diffrn.id                     1 
_diffrn.ambient_pressure       ? 
_diffrn.ambient_pressure_esd   ? 
_diffrn.ambient_pressure_gt    ? 
_diffrn.ambient_pressure_lt    ? 
_diffrn.ambient_temp_gt        ? 
_diffrn.ambient_temp_lt        ? 
# 
_diffrn_detector.details                      ? 
_diffrn_detector.detector                     CCD 
_diffrn_detector.diffrn_id                    1 
_diffrn_detector.type                         'ADSC QUANTUM 315' 
_diffrn_detector.area_resol_mean              ? 
_diffrn_detector.dtime                        ? 
_diffrn_detector.pdbx_frames_total            ? 
_diffrn_detector.pdbx_collection_time_total   ? 
_diffrn_detector.pdbx_collection_date         2009-11-24 
# 
_diffrn_radiation.collimation                      ? 
_diffrn_radiation.diffrn_id                        1 
_diffrn_radiation.filter_edge                      ? 
_diffrn_radiation.inhomogeneity                    ? 
_diffrn_radiation.monochromator                    ? 
_diffrn_radiation.polarisn_norm                    ? 
_diffrn_radiation.polarisn_ratio                   ? 
_diffrn_radiation.probe                            ? 
_diffrn_radiation.type                             ? 
_diffrn_radiation.xray_symbol                      ? 
_diffrn_radiation.wavelength_id                    1 
_diffrn_radiation.pdbx_monochromatic_or_laue_m_l   M 
_diffrn_radiation.pdbx_wavelength_list             ? 
_diffrn_radiation.pdbx_wavelength                  ? 
_diffrn_radiation.pdbx_diffrn_protocol             'SINGLE WAVELENGTH' 
_diffrn_radiation.pdbx_analyzer                    ? 
_diffrn_radiation.pdbx_scattering_type             x-ray 
# 
_diffrn_radiation_wavelength.id           1 
_diffrn_radiation_wavelength.wavelength   0.979 
_diffrn_radiation_wavelength.wt           1.0 
# 
_diffrn_source.current                     ? 
_diffrn_source.details                     ? 
_diffrn_source.diffrn_id                   1 
_diffrn_source.power                       ? 
_diffrn_source.size                        ? 
_diffrn_source.source                      SYNCHROTRON 
_diffrn_source.target                      ? 
_diffrn_source.type                        'APS BEAMLINE 24-ID-E' 
_diffrn_source.voltage                     ? 
_diffrn_source.take-off_angle              ? 
_diffrn_source.pdbx_wavelength_list        0.979 
_diffrn_source.pdbx_wavelength             ? 
_diffrn_source.pdbx_synchrotron_beamline   24-ID-E 
_diffrn_source.pdbx_synchrotron_site       APS 
# 
_reflns.B_iso_Wilson_estimate            ? 
_reflns.entry_id                         5E5X 
_reflns.data_reduction_details           ? 
_reflns.data_reduction_method            ? 
_reflns.d_resolution_high                1.6 
_reflns.d_resolution_low                 90 
_reflns.details                          ? 
_reflns.limit_h_max                      ? 
_reflns.limit_h_min                      ? 
_reflns.limit_k_max                      ? 
_reflns.limit_k_min                      ? 
_reflns.limit_l_max                      ? 
_reflns.limit_l_min                      ? 
_reflns.number_all                       ? 
_reflns.number_obs                       433 
_reflns.observed_criterion               ? 
_reflns.observed_criterion_F_max         ? 
_reflns.observed_criterion_F_min         ? 
_reflns.observed_criterion_I_max         ? 
_reflns.observed_criterion_I_min         ? 
_reflns.observed_criterion_sigma_F       ? 
_reflns.observed_criterion_sigma_I       ? 
_reflns.percent_possible_obs             93.32 
_reflns.R_free_details                   ? 
_reflns.Rmerge_F_all                     ? 
_reflns.Rmerge_F_obs                     ? 
_reflns.Friedel_coverage                 ? 
_reflns.number_gt                        ? 
_reflns.threshold_expression             ? 
_reflns.pdbx_redundancy                  3.1 
_reflns.pdbx_Rmerge_I_obs                0.147 
_reflns.pdbx_Rmerge_I_all                ? 
_reflns.pdbx_Rsym_value                  ? 
_reflns.pdbx_netI_over_av_sigmaI         ? 
_reflns.pdbx_netI_over_sigmaI            6.55 
_reflns.pdbx_res_netI_over_av_sigmaI_2   ? 
_reflns.pdbx_res_netI_over_sigmaI_2      ? 
_reflns.pdbx_chi_squared                 ? 
_reflns.pdbx_scaling_rejects             ? 
_reflns.pdbx_d_res_high_opt              ? 
_reflns.pdbx_d_res_low_opt               ? 
_reflns.pdbx_d_res_opt_method            ? 
_reflns.phase_calculation_details        ? 
_reflns.pdbx_Rrim_I_all                  ? 
_reflns.pdbx_Rpim_I_all                  ? 
_reflns.pdbx_d_opt                       ? 
_reflns.pdbx_number_measured_all         ? 
_reflns.pdbx_diffrn_id                   1 
_reflns.pdbx_ordinal                     1 
_reflns.pdbx_CC_half                     ? 
_reflns.pdbx_R_split                     ? 
# 
_reflns_shell.d_res_high                  1.60 
_reflns_shell.d_res_low                   1.72 
_reflns_shell.meanI_over_sigI_all         ? 
_reflns_shell.meanI_over_sigI_obs         9.7 
_reflns_shell.number_measured_all         ? 
_reflns_shell.number_measured_obs         ? 
_reflns_shell.number_possible             ? 
_reflns_shell.number_unique_all           ? 
_reflns_shell.number_unique_obs           ? 
_reflns_shell.percent_possible_all        87.0 
_reflns_shell.percent_possible_obs        ? 
_reflns_shell.Rmerge_F_all                ? 
_reflns_shell.Rmerge_F_obs                ? 
_reflns_shell.Rmerge_I_all                ? 
_reflns_shell.Rmerge_I_obs                ? 
_reflns_shell.meanI_over_sigI_gt          ? 
_reflns_shell.meanI_over_uI_all           ? 
_reflns_shell.meanI_over_uI_gt            ? 
_reflns_shell.number_measured_gt          ? 
_reflns_shell.number_unique_gt            ? 
_reflns_shell.percent_possible_gt         ? 
_reflns_shell.Rmerge_F_gt                 ? 
_reflns_shell.Rmerge_I_gt                 ? 
_reflns_shell.pdbx_redundancy             ? 
_reflns_shell.pdbx_Rsym_value             ? 
_reflns_shell.pdbx_chi_squared            ? 
_reflns_shell.pdbx_netI_over_sigmaI_all   ? 
_reflns_shell.pdbx_netI_over_sigmaI_obs   ? 
_reflns_shell.pdbx_Rrim_I_all             ? 
_reflns_shell.pdbx_Rpim_I_all             ? 
_reflns_shell.pdbx_rejects                ? 
_reflns_shell.pdbx_ordinal                1 
_reflns_shell.pdbx_diffrn_id              1 
_reflns_shell.pdbx_CC_half                ? 
_reflns_shell.pdbx_R_split                ? 
# 
_refine.aniso_B[1][1]                            0.6585 
_refine.aniso_B[1][2]                            -0.0000 
_refine.aniso_B[1][3]                            0.4612 
_refine.aniso_B[2][2]                            -3.0109 
_refine.aniso_B[2][3]                            -0.0000 
_refine.aniso_B[3][3]                            2.3524 
_refine.B_iso_max                                ? 
_refine.B_iso_mean                               ? 
_refine.B_iso_min                                ? 
_refine.correlation_coeff_Fo_to_Fc               ? 
_refine.correlation_coeff_Fo_to_Fc_free          ? 
_refine.details                                  ? 
_refine.diff_density_max                         ? 
_refine.diff_density_max_esd                     ? 
_refine.diff_density_min                         ? 
_refine.diff_density_min_esd                     ? 
_refine.diff_density_rms                         ? 
_refine.diff_density_rms_esd                     ? 
_refine.entry_id                                 5E5X 
_refine.pdbx_refine_id                           'X-RAY DIFFRACTION' 
_refine.ls_abs_structure_details                 ? 
_refine.ls_abs_structure_Flack                   ? 
_refine.ls_abs_structure_Flack_esd               ? 
_refine.ls_abs_structure_Rogers                  ? 
_refine.ls_abs_structure_Rogers_esd              ? 
_refine.ls_d_res_high                            1.610 
_refine.ls_d_res_low                             19.863 
_refine.ls_extinction_coef                       ? 
_refine.ls_extinction_coef_esd                   ? 
_refine.ls_extinction_expression                 ? 
_refine.ls_extinction_method                     ? 
_refine.ls_goodness_of_fit_all                   ? 
_refine.ls_goodness_of_fit_all_esd               ? 
_refine.ls_goodness_of_fit_obs                   ? 
_refine.ls_goodness_of_fit_obs_esd               ? 
_refine.ls_hydrogen_treatment                    ? 
_refine.ls_matrix_type                           ? 
_refine.ls_number_constraints                    ? 
_refine.ls_number_parameters                     ? 
_refine.ls_number_reflns_all                     ? 
_refine.ls_number_reflns_obs                     433 
_refine.ls_number_reflns_R_free                  44 
_refine.ls_number_reflns_R_work                  ? 
_refine.ls_number_restraints                     ? 
_refine.ls_percent_reflns_obs                    93.32 
_refine.ls_percent_reflns_R_free                 10.16 
_refine.ls_R_factor_all                          ? 
_refine.ls_R_factor_obs                          0.1179 
_refine.ls_R_factor_R_free                       0.1612 
_refine.ls_R_factor_R_free_error                 ? 
_refine.ls_R_factor_R_free_error_details         ? 
_refine.ls_R_factor_R_work                       0.1127 
_refine.ls_R_Fsqd_factor_obs                     ? 
_refine.ls_R_I_factor_obs                        ? 
_refine.ls_redundancy_reflns_all                 ? 
_refine.ls_redundancy_reflns_obs                 ? 
_refine.ls_restrained_S_all                      ? 
_refine.ls_restrained_S_obs                      ? 
_refine.ls_shift_over_esd_max                    ? 
_refine.ls_shift_over_esd_mean                   ? 
_refine.ls_structure_factor_coef                 ? 
_refine.ls_weighting_details                     ? 
_refine.ls_weighting_scheme                      ? 
_refine.ls_wR_factor_all                         ? 
_refine.ls_wR_factor_obs                         ? 
_refine.ls_wR_factor_R_free                      ? 
_refine.ls_wR_factor_R_work                      ? 
_refine.occupancy_max                            ? 
_refine.occupancy_min                            ? 
_refine.solvent_model_details                    'FLAT BULK SOLVENT MODEL' 
_refine.solvent_model_param_bsol                 0.000 
_refine.solvent_model_param_ksol                 0.000 
_refine.ls_R_factor_gt                           ? 
_refine.ls_goodness_of_fit_gt                    ? 
_refine.ls_goodness_of_fit_ref                   ? 
_refine.ls_shift_over_su_max                     ? 
_refine.ls_shift_over_su_max_lt                  ? 
_refine.ls_shift_over_su_mean                    ? 
_refine.ls_shift_over_su_mean_lt                 ? 
_refine.pdbx_ls_sigma_I                          ? 
_refine.pdbx_ls_sigma_F                          0.31 
_refine.pdbx_ls_sigma_Fsqd                       ? 
_refine.pdbx_data_cutoff_high_absF               ? 
_refine.pdbx_data_cutoff_high_rms_absF           ? 
_refine.pdbx_data_cutoff_low_absF                ? 
_refine.pdbx_isotropic_thermal_model             ? 
_refine.pdbx_ls_cross_valid_method               'FREE R-VALUE' 
_refine.pdbx_method_to_determine_struct          'MOLECULAR REPLACEMENT' 
_refine.pdbx_starting_model                      ? 
_refine.pdbx_stereochemistry_target_values       LS_WUNIT_K1 
_refine.pdbx_R_Free_selection_details            ? 
_refine.pdbx_stereochem_target_val_spec_case     ? 
_refine.pdbx_overall_ESU_R                       ? 
_refine.pdbx_overall_ESU_R_Free                  ? 
_refine.pdbx_solvent_vdw_probe_radii             1.11 
_refine.pdbx_solvent_ion_probe_radii             ? 
_refine.pdbx_solvent_shrinkage_radii             0.90 
_refine.pdbx_real_space_R                        ? 
_refine.pdbx_density_correlation                 ? 
_refine.pdbx_pd_number_of_powder_patterns        ? 
_refine.pdbx_pd_number_of_points                 ? 
_refine.pdbx_pd_meas_number_of_points            ? 
_refine.pdbx_pd_proc_ls_prof_R_factor            ? 
_refine.pdbx_pd_proc_ls_prof_wR_factor           ? 
_refine.pdbx_pd_Marquardt_correlation_coeff      ? 
_refine.pdbx_pd_Fsqrd_R_factor                   ? 
_refine.pdbx_pd_ls_matrix_band_width             ? 
_refine.pdbx_overall_phase_error                 17.45 
_refine.pdbx_overall_SU_R_free_Cruickshank_DPI   ? 
_refine.pdbx_overall_SU_R_free_Blow_DPI          ? 
_refine.pdbx_overall_SU_R_Blow_DPI               ? 
_refine.pdbx_TLS_residual_ADP_flag               ? 
_refine.pdbx_diffrn_id                           1 
_refine.overall_SU_B                             ? 
_refine.overall_SU_ML                            1.29 
_refine.overall_SU_R_Cruickshank_DPI             ? 
_refine.overall_SU_R_free                        ? 
_refine.overall_FOM_free_R_set                   ? 
_refine.overall_FOM_work_R_set                   ? 
_refine.pdbx_average_fsc_overall                 ? 
_refine.pdbx_average_fsc_work                    ? 
_refine.pdbx_average_fsc_free                    ? 
# 
_refine_hist.pdbx_refine_id                   'X-RAY DIFFRACTION' 
_refine_hist.cycle_id                         LAST 
_refine_hist.pdbx_number_atoms_protein        50 
_refine_hist.pdbx_number_atoms_nucleic_acid   0 
_refine_hist.pdbx_number_atoms_ligand         0 
_refine_hist.number_atoms_solvent             0 
_refine_hist.number_atoms_total               50 
_refine_hist.d_res_high                       1.610 
_refine_hist.d_res_low                        19.863 
# 
loop_
_refine_ls_restr.pdbx_refine_id 
_refine_ls_restr.criterion 
_refine_ls_restr.dev_ideal 
_refine_ls_restr.dev_ideal_target 
_refine_ls_restr.number 
_refine_ls_restr.rejects 
_refine_ls_restr.type 
_refine_ls_restr.weight 
_refine_ls_restr.pdbx_restraint_function 
'X-RAY DIFFRACTION' ? 0.003  ? 51 ? f_bond_d           ? ? 
'X-RAY DIFFRACTION' ? 0.704  ? 69 ? f_angle_d          ? ? 
'X-RAY DIFFRACTION' ? 16.988 ? 15 ? f_dihedral_angle_d ? ? 
'X-RAY DIFFRACTION' ? 0.058  ? 8  ? f_chiral_restr     ? ? 
'X-RAY DIFFRACTION' ? 0.003  ? 9  ? f_plane_restr      ? ? 
# 
_refine_ls_shell.pdbx_refine_id                   'X-RAY DIFFRACTION' 
_refine_ls_shell.d_res_high                       1.6101 
_refine_ls_shell.d_res_low                        19.8645 
_refine_ls_shell.number_reflns_all                ? 
_refine_ls_shell.number_reflns_obs                ? 
_refine_ls_shell.number_reflns_R_free             44 
_refine_ls_shell.number_reflns_R_work             389 
_refine_ls_shell.percent_reflns_obs               93.00 
_refine_ls_shell.percent_reflns_R_free            ? 
_refine_ls_shell.R_factor_all                     ? 
_refine_ls_shell.R_factor_obs                     ? 
_refine_ls_shell.R_factor_R_free                  0.1612 
_refine_ls_shell.R_factor_R_free_error            ? 
_refine_ls_shell.R_factor_R_work                  0.1127 
_refine_ls_shell.redundancy_reflns_all            ? 
_refine_ls_shell.redundancy_reflns_obs            ? 
_refine_ls_shell.wR_factor_all                    ? 
_refine_ls_shell.wR_factor_obs                    ? 
_refine_ls_shell.wR_factor_R_free                 ? 
_refine_ls_shell.wR_factor_R_work                 ? 
_refine_ls_shell.pdbx_total_number_of_bins_used   ? 
_refine_ls_shell.pdbx_phase_error                 ? 
_refine_ls_shell.pdbx_fsc_work                    ? 
_refine_ls_shell.pdbx_fsc_free                    ? 
# 
_struct.entry_id                     5E5X 
_struct.title                        
'Structure of the amyloid forming peptide ANFLVH (residues 13-18) from islet amyloid polypeptide' 
_struct.pdbx_model_details           ? 
_struct.pdbx_formula_weight          ? 
_struct.pdbx_formula_weight_method   ? 
_struct.pdbx_model_type_details      ? 
_struct.pdbx_CASP_flag               ? 
# 
_struct_keywords.entry_id        5E5X 
_struct_keywords.text            'amyloid proto-fibril, Protein Fibril, de novo protein, membrane protein' 
_struct_keywords.pdbx_keywords   'de novo protein, membrane protein' 
# 
_struct_asym.id                            A 
_struct_asym.pdbx_blank_PDB_chainid_flag   N 
_struct_asym.pdbx_modified                 N 
_struct_asym.entity_id                     1 
_struct_asym.details                       ? 
# 
_struct_ref.db_code                    5E5X 
_struct_ref.db_name                    PDB 
_struct_ref.details                    ? 
_struct_ref.entity_id                  1 
_struct_ref.id                         1 
_struct_ref.seq_align                  ? 
_struct_ref.seq_dif                    ? 
_struct_ref.pdbx_db_accession          5E5X 
_struct_ref.pdbx_db_isoform            ? 
_struct_ref.pdbx_seq_one_letter_code   ? 
_struct_ref.pdbx_align_begin           1 
_struct_ref.pdbx_align_end             ? 
# 
_struct_ref_seq.align_id                      1 
_struct_ref_seq.ref_id                        1 
_struct_ref_seq.pdbx_PDB_id_code              5E5X 
_struct_ref_seq.pdbx_strand_id                A 
_struct_ref_seq.seq_align_beg                 1 
_struct_ref_seq.pdbx_seq_align_beg_ins_code   ? 
_struct_ref_seq.seq_align_end                 6 
_struct_ref_seq.pdbx_seq_align_end_ins_code   ? 
_struct_ref_seq.pdbx_db_accession             5E5X 
_struct_ref_seq.db_align_beg                  1 
_struct_ref_seq.pdbx_db_align_beg_ins_code    ? 
_struct_ref_seq.db_align_end                  6 
_struct_ref_seq.pdbx_db_align_end_ins_code    ? 
_struct_ref_seq.pdbx_auth_seq_align_beg       1 
_struct_ref_seq.pdbx_auth_seq_align_end       6 
# 
_pdbx_struct_assembly.id                   1 
_pdbx_struct_assembly.details              author_defined_assembly 
_pdbx_struct_assembly.method_details       ? 
_pdbx_struct_assembly.oligomeric_details   decameric 
_pdbx_struct_assembly.oligomeric_count     10 
# 
_pdbx_struct_assembly_gen.assembly_id       1 
_pdbx_struct_assembly_gen.oper_expression   1,2,3,4,5,6,7,8,9,10 
_pdbx_struct_assembly_gen.asym_id_list      A 
# 
loop_
_pdbx_struct_oper_list.id 
_pdbx_struct_oper_list.type 
_pdbx_struct_oper_list.name 
_pdbx_struct_oper_list.symmetry_operation 
_pdbx_struct_oper_list.matrix[1][1] 
_pdbx_struct_oper_list.matrix[1][2] 
_pdbx_struct_oper_list.matrix[1][3] 
_pdbx_struct_oper_list.vector[1] 
_pdbx_struct_oper_list.matrix[2][1] 
_pdbx_struct_oper_list.matrix[2][2] 
_pdbx_struct_oper_list.matrix[2][3] 
_pdbx_struct_oper_list.vector[2] 
_pdbx_struct_oper_list.matrix[3][1] 
_pdbx_struct_oper_list.matrix[3][2] 
_pdbx_struct_oper_list.matrix[3][3] 
_pdbx_struct_oper_list.vector[3] 
1  'identity operation'         1_555 x,y,z     1.0000000000 0.0000000000 0.0000000000 0.0000000000   0.0000000000 1.0000000000 0.0000000000 0.0000000000  0.0000000000 0.0000000000 1.0000000000 0.0000000000  
2  'crystal symmetry operation' 1_255 x-3,y,z   1.0000000000 0.0000000000 0.0000000000 -13.9244050786 0.0000000000 1.0000000000 0.0000000000 2.6703660077  0.0000000000 0.0000000000 1.0000000000 3.0045195278  
3  'crystal symmetry operation' 1_355 x-2,y,z   1.0000000000 0.0000000000 0.0000000000 -9.2829367190  0.0000000000 1.0000000000 0.0000000000 1.7802440051  0.0000000000 0.0000000000 1.0000000000 2.0030130185  
4  'crystal symmetry operation' 1_455 x-1,y,z   1.0000000000 0.0000000000 0.0000000000 -4.6414683595  0.0000000000 1.0000000000 0.0000000000 0.8901220026  0.0000000000 0.0000000000 1.0000000000 1.0015065093  
5  'crystal symmetry operation' 1_655 x+1,y,z   1.0000000000 0.0000000000 0.0000000000 4.6414683595   0.0000000000 1.0000000000 0.0000000000 -0.8901220026 0.0000000000 0.0000000000 1.0000000000 -1.0015065093 
6  'crystal symmetry operation' 1_356 x-2,y,z+1 1.0000000000 0.0000000000 0.0000000000 -11.8926144665 0.0000000000 1.0000000000 0.0000000000 8.4681476049  0.0000000000 0.0000000000 1.0000000000 -4.7688913291 
7  'crystal symmetry operation' 1_456 x-1,y,z+1 1.0000000000 0.0000000000 0.0000000000 -7.2511461070  0.0000000000 1.0000000000 0.0000000000 7.5780256023  0.0000000000 0.0000000000 1.0000000000 -5.7703978384 
8  'crystal symmetry operation' 1_556 x,y,z+1   1.0000000000 0.0000000000 0.0000000000 -2.6096777474  0.0000000000 1.0000000000 0.0000000000 6.6879035998  0.0000000000 0.0000000000 1.0000000000 -6.7719043477 
9  'crystal symmetry operation' 1_656 x+1,y,z+1 1.0000000000 0.0000000000 0.0000000000 2.0317906121   0.0000000000 1.0000000000 0.0000000000 5.7977815972  0.0000000000 0.0000000000 1.0000000000 -7.7734108569 
10 'crystal symmetry operation' 1_756 x+2,y,z+1 1.0000000000 0.0000000000 0.0000000000 6.6732589716   0.0000000000 1.0000000000 0.0000000000 4.9076595946  0.0000000000 0.0000000000 1.0000000000 -8.7749173662 
# 
_struct_biol.id        1 
_struct_biol.details   
;BIOLOGICAL UNIT DISPLAYS ONLY A PORTION OF THE CRYSTAL       
 LATTICE TO DEMONSTRATE THE CRYSTAL PACKING CONTENT. THE CRYSTAL      
 PACKING IS FORMED BY A REPETITION IN BOTH DIRECTIONS OF THE PORTION  
 INDICATED IN REMARK 350.
;
# 
loop_
_chem_comp_atom.comp_id 
_chem_comp_atom.atom_id 
_chem_comp_atom.type_symbol 
_chem_comp_atom.pdbx_aromatic_flag 
_chem_comp_atom.pdbx_stereo_config 
_chem_comp_atom.pdbx_ordinal 
ALA N    N N N 1   
ALA CA   C N S 2   
ALA C    C N N 3   
ALA O    O N N 4   
ALA CB   C N N 5   
ALA OXT  O N N 6   
ALA H    H N N 7   
ALA H2   H N N 8   
ALA HA   H N N 9   
ALA HB1  H N N 10  
ALA HB2  H N N 11  
ALA HB3  H N N 12  
ALA HXT  H N N 13  
ASN N    N N N 14  
ASN CA   C N S 15  
ASN C    C N N 16  
ASN O    O N N 17  
ASN CB   C N N 18  
ASN CG   C N N 19  
ASN OD1  O N N 20  
ASN ND2  N N N 21  
ASN OXT  O N N 22  
ASN H    H N N 23  
ASN H2   H N N 24  
ASN HA   H N N 25  
ASN HB2  H N N 26  
ASN HB3  H N N 27  
ASN HD21 H N N 28  
ASN HD22 H N N 29  
ASN HXT  H N N 30  
HIS N    N N N 31  
HIS CA   C N S 32  
HIS C    C N N 33  
HIS O    O N N 34  
HIS CB   C N N 35  
HIS CG   C Y N 36  
HIS ND1  N Y N 37  
HIS CD2  C Y N 38  
HIS CE1  C Y N 39  
HIS NE2  N Y N 40  
HIS OXT  O N N 41  
HIS H    H N N 42  
HIS H2   H N N 43  
HIS HA   H N N 44  
HIS HB2  H N N 45  
HIS HB3  H N N 46  
HIS HD1  H N N 47  
HIS HD2  H N N 48  
HIS HE1  H N N 49  
HIS HE2  H N N 50  
HIS HXT  H N N 51  
LEU N    N N N 52  
LEU CA   C N S 53  
LEU C    C N N 54  
LEU O    O N N 55  
LEU CB   C N N 56  
LEU CG   C N N 57  
LEU CD1  C N N 58  
LEU CD2  C N N 59  
LEU OXT  O N N 60  
LEU H    H N N 61  
LEU H2   H N N 62  
LEU HA   H N N 63  
LEU HB2  H N N 64  
LEU HB3  H N N 65  
LEU HG   H N N 66  
LEU HD11 H N N 67  
LEU HD12 H N N 68  
LEU HD13 H N N 69  
LEU HD21 H N N 70  
LEU HD22 H N N 71  
LEU HD23 H N N 72  
LEU HXT  H N N 73  
PHE N    N N N 74  
PHE CA   C N S 75  
PHE C    C N N 76  
PHE O    O N N 77  
PHE CB   C N N 78  
PHE CG   C Y N 79  
PHE CD1  C Y N 80  
PHE CD2  C Y N 81  
PHE CE1  C Y N 82  
PHE CE2  C Y N 83  
PHE CZ   C Y N 84  
PHE OXT  O N N 85  
PHE H    H N N 86  
PHE H2   H N N 87  
PHE HA   H N N 88  
PHE HB2  H N N 89  
PHE HB3  H N N 90  
PHE HD1  H N N 91  
PHE HD2  H N N 92  
PHE HE1  H N N 93  
PHE HE2  H N N 94  
PHE HZ   H N N 95  
PHE HXT  H N N 96  
VAL N    N N N 97  
VAL CA   C N S 98  
VAL C    C N N 99  
VAL O    O N N 100 
VAL CB   C N N 101 
VAL CG1  C N N 102 
VAL CG2  C N N 103 
VAL OXT  O N N 104 
VAL H    H N N 105 
VAL H2   H N N 106 
VAL HA   H N N 107 
VAL HB   H N N 108 
VAL HG11 H N N 109 
VAL HG12 H N N 110 
VAL HG13 H N N 111 
VAL HG21 H N N 112 
VAL HG22 H N N 113 
VAL HG23 H N N 114 
VAL HXT  H N N 115 
# 
loop_
_chem_comp_bond.comp_id 
_chem_comp_bond.atom_id_1 
_chem_comp_bond.atom_id_2 
_chem_comp_bond.value_order 
_chem_comp_bond.pdbx_aromatic_flag 
_chem_comp_bond.pdbx_stereo_config 
_chem_comp_bond.pdbx_ordinal 
ALA N   CA   sing N N 1   
ALA N   H    sing N N 2   
ALA N   H2   sing N N 3   
ALA CA  C    sing N N 4   
ALA CA  CB   sing N N 5   
ALA CA  HA   sing N N 6   
ALA C   O    doub N N 7   
ALA C   OXT  sing N N 8   
ALA CB  HB1  sing N N 9   
ALA CB  HB2  sing N N 10  
ALA CB  HB3  sing N N 11  
ALA OXT HXT  sing N N 12  
ASN N   CA   sing N N 13  
ASN N   H    sing N N 14  
ASN N   H2   sing N N 15  
ASN CA  C    sing N N 16  
ASN CA  CB   sing N N 17  
ASN CA  HA   sing N N 18  
ASN C   O    doub N N 19  
ASN C   OXT  sing N N 20  
ASN CB  CG   sing N N 21  
ASN CB  HB2  sing N N 22  
ASN CB  HB3  sing N N 23  
ASN CG  OD1  doub N N 24  
ASN CG  ND2  sing N N 25  
ASN ND2 HD21 sing N N 26  
ASN ND2 HD22 sing N N 27  
ASN OXT HXT  sing N N 28  
HIS N   CA   sing N N 29  
HIS N   H    sing N N 30  
HIS N   H2   sing N N 31  
HIS CA  C    sing N N 32  
HIS CA  CB   sing N N 33  
HIS CA  HA   sing N N 34  
HIS C   O    doub N N 35  
HIS C   OXT  sing N N 36  
HIS CB  CG   sing N N 37  
HIS CB  HB2  sing N N 38  
HIS CB  HB3  sing N N 39  
HIS CG  ND1  sing Y N 40  
HIS CG  CD2  doub Y N 41  
HIS ND1 CE1  doub Y N 42  
HIS ND1 HD1  sing N N 43  
HIS CD2 NE2  sing Y N 44  
HIS CD2 HD2  sing N N 45  
HIS CE1 NE2  sing Y N 46  
HIS CE1 HE1  sing N N 47  
HIS NE2 HE2  sing N N 48  
HIS OXT HXT  sing N N 49  
LEU N   CA   sing N N 50  
LEU N   H    sing N N 51  
LEU N   H2   sing N N 52  
LEU CA  C    sing N N 53  
LEU CA  CB   sing N N 54  
LEU CA  HA   sing N N 55  
LEU C   O    doub N N 56  
LEU C   OXT  sing N N 57  
LEU CB  CG   sing N N 58  
LEU CB  HB2  sing N N 59  
LEU CB  HB3  sing N N 60  
LEU CG  CD1  sing N N 61  
LEU CG  CD2  sing N N 62  
LEU CG  HG   sing N N 63  
LEU CD1 HD11 sing N N 64  
LEU CD1 HD12 sing N N 65  
LEU CD1 HD13 sing N N 66  
LEU CD2 HD21 sing N N 67  
LEU CD2 HD22 sing N N 68  
LEU CD2 HD23 sing N N 69  
LEU OXT HXT  sing N N 70  
PHE N   CA   sing N N 71  
PHE N   H    sing N N 72  
PHE N   H2   sing N N 73  
PHE CA  C    sing N N 74  
PHE CA  CB   sing N N 75  
PHE CA  HA   sing N N 76  
PHE C   O    doub N N 77  
PHE C   OXT  sing N N 78  
PHE CB  CG   sing N N 79  
PHE CB  HB2  sing N N 80  
PHE CB  HB3  sing N N 81  
PHE CG  CD1  doub Y N 82  
PHE CG  CD2  sing Y N 83  
PHE CD1 CE1  sing Y N 84  
PHE CD1 HD1  sing N N 85  
PHE CD2 CE2  doub Y N 86  
PHE CD2 HD2  sing N N 87  
PHE CE1 CZ   doub Y N 88  
PHE CE1 HE1  sing N N 89  
PHE CE2 CZ   sing Y N 90  
PHE CE2 HE2  sing N N 91  
PHE CZ  HZ   sing N N 92  
PHE OXT HXT  sing N N 93  
VAL N   CA   sing N N 94  
VAL N   H    sing N N 95  
VAL N   H2   sing N N 96  
VAL CA  C    sing N N 97  
VAL CA  CB   sing N N 98  
VAL CA  HA   sing N N 99  
VAL C   O    doub N N 100 
VAL C   OXT  sing N N 101 
VAL CB  CG1  sing N N 102 
VAL CB  CG2  sing N N 103 
VAL CB  HB   sing N N 104 
VAL CG1 HG11 sing N N 105 
VAL CG1 HG12 sing N N 106 
VAL CG1 HG13 sing N N 107 
VAL CG2 HG21 sing N N 108 
VAL CG2 HG22 sing N N 109 
VAL CG2 HG23 sing N N 110 
VAL OXT HXT  sing N N 111 
# 
_atom_sites.entry_id                    5E5X 
_atom_sites.fract_transf_matrix[1][1]   0.19695253 
_atom_sites.fract_transf_matrix[1][2]   -0.00523660 
_atom_sites.fract_transf_matrix[1][3]   -0.08106538 
_atom_sites.fract_transf_matrix[2][1]   -0.00691527 
_atom_sites.fract_transf_matrix[2][2]   -0.01850035 
_atom_sites.fract_transf_matrix[2][3]   -0.01560594 
_atom_sites.fract_transf_matrix[3][1]   -0.00397675 
_atom_sites.fract_transf_matrix[3][2]   0.06805978 
_atom_sites.fract_transf_matrix[3][3]   -0.07892056 
_atom_sites.fract_transf_vector[1]      0.347362 
_atom_sites.fract_transf_vector[2]      -0.174857 
_atom_sites.fract_transf_vector[3]      0.150977 
# 
loop_
_atom_type.symbol 
C 
N 
O 
# 
loop_
_atom_site.group_PDB 
_atom_site.id 
_atom_site.type_symbol 
_atom_site.label_atom_id 
_atom_site.label_alt_id 
_atom_site.label_comp_id 
_atom_site.label_asym_id 
_atom_site.label_entity_id 
_atom_site.label_seq_id 
_atom_site.pdbx_PDB_ins_code 
_atom_site.Cartn_x 
_atom_site.Cartn_y 
_atom_site.Cartn_z 
_atom_site.occupancy 
_atom_site.B_iso_or_equiv 
_atom_site.pdbx_formal_charge 
_atom_site.auth_seq_id 
_atom_site.auth_comp_id 
_atom_site.auth_asym_id 
_atom_site.auth_atom_id 
_atom_site.pdbx_PDB_model_num 
ATOM 1  N N   . ALA A 1 1 ? 2.186  5.169  7.766   1.00 7.31  ? 1 ALA A N   1 
ATOM 2  C CA  . ALA A 1 1 ? 2.536  4.124  6.810   1.00 6.67  ? 1 ALA A CA  1 
ATOM 3  C C   . ALA A 1 1 ? 1.570  4.119  5.626   1.00 7.10  ? 1 ALA A C   1 
ATOM 4  O O   . ALA A 1 1 ? 0.377  4.371  5.791   1.00 7.27  ? 1 ALA A O   1 
ATOM 5  C CB  . ALA A 1 1 ? 2.540  2.767  7.495   1.00 8.77  ? 1 ALA A CB  1 
ATOM 6  N N   . ASN A 1 2 ? 2.099  3.832  4.439   1.00 5.34  ? 2 ASN A N   1 
ATOM 7  C CA  . ASN A 1 2 ? 1.297  3.706  3.220   1.00 6.89  ? 2 ASN A CA  1 
ATOM 8  C C   . ASN A 1 2 ? 1.394  2.289  2.660   1.00 7.36  ? 2 ASN A C   1 
ATOM 9  O O   . ASN A 1 2 ? 2.496  1.772  2.487   1.00 6.23  ? 2 ASN A O   1 
ATOM 10 C CB  . ASN A 1 2 ? 1.775  4.695  2.152   1.00 6.49  ? 2 ASN A CB  1 
ATOM 11 C CG  . ASN A 1 2 ? 1.481  6.136  2.511   1.00 7.48  ? 2 ASN A CG  1 
ATOM 12 O OD1 . ASN A 1 2 ? 0.349  6.488  2.844   1.00 7.39  ? 2 ASN A OD1 1 
ATOM 13 N ND2 . ASN A 1 2 ? 2.498  6.984  2.431   1.00 5.90  ? 2 ASN A ND2 1 
ATOM 14 N N   . PHE A 1 3 ? 0.247  1.668  2.384   1.00 6.29  ? 3 PHE A N   1 
ATOM 15 C CA  . PHE A 1 3 ? 0.207  0.326  1.797   1.00 6.89  ? 3 PHE A CA  1 
ATOM 16 C C   . PHE A 1 3 ? -0.571 0.334  0.483   1.00 6.80  ? 3 PHE A C   1 
ATOM 17 O O   . PHE A 1 3 ? -1.725 0.762  0.444   1.00 6.63  ? 3 PHE A O   1 
ATOM 18 C CB  . PHE A 1 3 ? -0.480 -0.672 2.736   1.00 7.62  ? 3 PHE A CB  1 
ATOM 19 C CG  . PHE A 1 3 ? 0.183  -0.828 4.081   1.00 8.86  ? 3 PHE A CG  1 
ATOM 20 C CD1 . PHE A 1 3 ? 1.016  -1.908 4.340   1.00 11.35 ? 3 PHE A CD1 1 
ATOM 21 C CD2 . PHE A 1 3 ? -0.066 0.078  5.104   1.00 9.12  ? 3 PHE A CD2 1 
ATOM 22 C CE1 . PHE A 1 3 ? 1.608  -2.066 5.587   1.00 11.42 ? 3 PHE A CE1 1 
ATOM 23 C CE2 . PHE A 1 3 ? 0.528  -0.073 6.349   1.00 9.22  ? 3 PHE A CE2 1 
ATOM 24 C CZ  . PHE A 1 3 ? 1.362  -1.147 6.591   1.00 10.39 ? 3 PHE A CZ  1 
ATOM 25 N N   . LEU A 1 4 ? 0.057  -0.149 -0.586  1.00 5.88  ? 4 LEU A N   1 
ATOM 26 C CA  . LEU A 1 4 ? -0.627 -0.309 -1.865  1.00 6.58  ? 4 LEU A CA  1 
ATOM 27 C C   . LEU A 1 4 ? -0.380 -1.712 -2.405  1.00 7.01  ? 4 LEU A C   1 
ATOM 28 O O   . LEU A 1 4 ? 0.754  -2.073 -2.716  1.00 7.15  ? 4 LEU A O   1 
ATOM 29 C CB  . LEU A 1 4 ? -0.153 0.739  -2.877  1.00 5.66  ? 4 LEU A CB  1 
ATOM 30 C CG  . LEU A 1 4 ? -0.995 0.909  -4.147  1.00 7.19  ? 4 LEU A CG  1 
ATOM 31 C CD1 . LEU A 1 4 ? -0.478 2.084  -4.964  1.00 9.46  ? 4 LEU A CD1 1 
ATOM 32 C CD2 . LEU A 1 4 ? -1.007 -0.351 -4.991  1.00 9.30  ? 4 LEU A CD2 1 
ATOM 33 N N   . VAL A 1 5 ? -1.448 -2.500 -2.507  1.00 6.35  ? 5 VAL A N   1 
ATOM 34 C CA  . VAL A 1 5 ? -1.367 -3.827 -3.110  1.00 6.65  ? 5 VAL A CA  1 
ATOM 35 C C   . VAL A 1 5 ? -2.173 -3.851 -4.407  1.00 7.02  ? 5 VAL A C   1 
ATOM 36 O O   . VAL A 1 5 ? -3.389 -3.674 -4.404  1.00 8.22  ? 5 VAL A O   1 
ATOM 37 C CB  . VAL A 1 5 ? -1.862 -4.931 -2.156  1.00 6.15  ? 5 VAL A CB  1 
ATOM 38 C CG1 . VAL A 1 5 ? -1.755 -6.292 -2.822  1.00 8.02  ? 5 VAL A CG1 1 
ATOM 39 C CG2 . VAL A 1 5 ? -1.057 -4.908 -0.870  1.00 7.94  ? 5 VAL A CG2 1 
ATOM 40 N N   . HIS A 1 6 ? -1.470 -4.064 -5.512  1.00 8.01  ? 6 HIS A N   1 
ATOM 41 C CA  . HIS A 1 6 ? -2.046 -4.020 -6.852  1.00 8.07  ? 6 HIS A CA  1 
ATOM 42 C C   . HIS A 1 6 ? -2.756 -5.328 -7.197  1.00 10.79 ? 6 HIS A C   1 
ATOM 43 O O   . HIS A 1 6 ? -3.614 -5.373 -8.083  1.00 10.24 ? 6 HIS A O   1 
ATOM 44 C CB  . HIS A 1 6 ? -0.927 -3.735 -7.852  1.00 8.42  ? 6 HIS A CB  1 
ATOM 45 C CG  . HIS A 1 6 ? -1.378 -3.637 -9.277  1.00 8.74  ? 6 HIS A CG  1 
ATOM 46 N ND1 . HIS A 1 6 ? -0.825 -4.401 -10.281 1.00 8.85  ? 6 HIS A ND1 1 
ATOM 47 C CD2 . HIS A 1 6 ? -2.305 -2.848 -9.870  1.00 7.88  ? 6 HIS A CD2 1 
ATOM 48 C CE1 . HIS A 1 6 ? -1.398 -4.096 -11.433 1.00 8.43  ? 6 HIS A CE1 1 
ATOM 49 N NE2 . HIS A 1 6 ? -2.301 -3.154 -11.210 1.00 9.49  ? 6 HIS A NE2 1 
ATOM 50 O OXT . HIS A 1 6 ? -2.491 -6.374 -6.598  1.00 9.27  ? 6 HIS A OXT 1 
# 
